data_6W7Z
#
_entry.id   6W7Z
#
_cell.length_a   48.441
_cell.length_b   50.453
_cell.length_c   54.375
_cell.angle_alpha   90.000
_cell.angle_beta   99.720
_cell.angle_gamma   90.000
#
_symmetry.space_group_name_H-M   'P 1 21 1'
#
loop_
_entity.id
_entity.type
_entity.pdbx_description
1 polymer 'Ubiquitin-conjugating enzyme E2 D2'
2 polymer 'E3 ubiquitin-protein ligase RLIM'
3 non-polymer GLYCEROL
4 non-polymer 'ZINC ION'
5 water water
#
loop_
_entity_poly.entity_id
_entity_poly.type
_entity_poly.pdbx_seq_one_letter_code
_entity_poly.pdbx_strand_id
1 'polypeptide(L)'
;GPLGSMALKRIHKELNDLARDPPAQSRAGPVGDDMFHWQATIMGPNDSPYQGGVFFLTIHFPTDYPFKPPKVAFTTRIYH
PNINSNGSICLDILRSQWSPALTISKVLLSISSLLSDPNPDDPLVPEIARIYKTDREKYNRIAREWTQKYAM
;
A
2 'polypeptide(L)'
;GPLGSLAQFFLLNEDDDDQPRGLTKEQIDNLAMRSFGENDALKTCSVCITEYTEGNKLRKLPCSHEYHVHCIDRWLSENS
TCPICRRAVLASGNRESVV
;
B
#
loop_
_chem_comp.id
_chem_comp.type
_chem_comp.name
_chem_comp.formula
GOL non-polymer GLYCEROL 'C3 H8 O3'
ZN non-polymer 'ZINC ION' 'Zn 2'
#
# COMPACT_ATOMS: atom_id res chain seq x y z
N GLY A 4 -7.15 -1.74 -18.32
CA GLY A 4 -7.24 -1.51 -16.89
C GLY A 4 -8.66 -1.57 -16.36
N SER A 5 -9.48 -2.44 -16.94
CA SER A 5 -10.87 -2.55 -16.52
C SER A 5 -10.97 -3.10 -15.10
N MET A 6 -10.24 -4.18 -14.81
CA MET A 6 -10.25 -4.73 -13.46
C MET A 6 -9.58 -3.78 -12.48
N ALA A 7 -8.52 -3.09 -12.91
CA ALA A 7 -7.88 -2.10 -12.05
C ALA A 7 -8.83 -0.96 -11.72
N LEU A 8 -9.60 -0.50 -12.71
CA LEU A 8 -10.51 0.62 -12.49
C LEU A 8 -11.58 0.27 -11.46
N LYS A 9 -12.12 -0.96 -11.54
CA LYS A 9 -13.15 -1.37 -10.58
C LYS A 9 -12.61 -1.38 -9.16
N ARG A 10 -11.38 -1.85 -8.97
CA ARG A 10 -10.82 -1.88 -7.62
C ARG A 10 -10.51 -0.49 -7.12
N ILE A 11 -10.07 0.40 -8.02
CA ILE A 11 -9.80 1.78 -7.62
C ILE A 11 -11.07 2.46 -7.16
N HIS A 12 -12.18 2.26 -7.90
CA HIS A 12 -13.46 2.82 -7.47
C HIS A 12 -13.89 2.23 -6.14
N LYS A 13 -13.69 0.92 -5.95
CA LYS A 13 -14.03 0.28 -4.69
C LYS A 13 -13.27 0.89 -3.53
N GLU A 14 -11.96 1.08 -3.69
CA GLU A 14 -11.16 1.68 -2.63
C GLU A 14 -11.60 3.13 -2.37
N LEU A 15 -11.91 3.87 -3.43
CA LEU A 15 -12.34 5.25 -3.25
C LEU A 15 -13.65 5.33 -2.47
N ASN A 16 -14.58 4.43 -2.76
CA ASN A 16 -15.85 4.43 -2.04
C ASN A 16 -15.65 4.03 -0.58
N ASP A 17 -14.77 3.07 -0.32
CA ASP A 17 -14.50 2.67 1.06
C ASP A 17 -13.82 3.79 1.84
N LEU A 18 -12.90 4.51 1.19
CA LEU A 18 -12.26 5.65 1.85
C LEU A 18 -13.28 6.74 2.17
N ALA A 19 -14.25 6.96 1.28
CA ALA A 19 -15.24 8.01 1.50
C ALA A 19 -16.18 7.66 2.65
N ARG A 20 -16.51 6.38 2.82
CA ARG A 20 -17.43 5.99 3.87
C ARG A 20 -16.74 5.88 5.22
N ASP A 21 -15.50 5.39 5.24
CA ASP A 21 -14.72 5.23 6.48
C ASP A 21 -13.39 5.92 6.29
N PRO A 22 -13.34 7.25 6.48
CA PRO A 22 -12.10 7.99 6.25
C PRO A 22 -11.05 7.66 7.29
N PRO A 23 -9.81 7.43 6.88
CA PRO A 23 -8.73 7.18 7.85
C PRO A 23 -8.37 8.46 8.59
N ALA A 24 -8.09 8.31 9.90
CA ALA A 24 -7.96 9.42 10.84
C ALA A 24 -7.15 10.60 10.33
N GLN A 25 -5.93 10.35 9.84
CA GLN A 25 -5.00 11.42 9.54
C GLN A 25 -4.71 11.58 8.05
N SER A 26 -5.39 10.84 7.19
N SER A 26 -5.40 10.85 7.18
CA SER A 26 -5.08 10.82 5.77
CA SER A 26 -5.10 10.90 5.76
C SER A 26 -6.36 10.91 4.94
C SER A 26 -6.38 10.95 4.94
N ARG A 27 -6.23 11.54 3.78
N ARG A 27 -6.27 11.57 3.76
CA ARG A 27 -7.29 11.57 2.78
CA ARG A 27 -7.34 11.62 2.78
C ARG A 27 -6.65 11.35 1.41
C ARG A 27 -6.72 11.46 1.39
N ALA A 28 -7.43 10.78 0.50
CA ALA A 28 -6.91 10.52 -0.85
C ALA A 28 -8.06 10.41 -1.82
N GLY A 29 -7.80 10.84 -3.06
CA GLY A 29 -8.78 10.80 -4.12
C GLY A 29 -8.24 11.34 -5.42
N PRO A 30 -8.93 11.05 -6.53
CA PRO A 30 -8.44 11.53 -7.83
C PRO A 30 -8.44 13.05 -7.91
N VAL A 31 -7.41 13.58 -8.59
CA VAL A 31 -7.30 15.02 -8.80
C VAL A 31 -8.47 15.53 -9.62
N GLY A 32 -8.60 15.00 -10.83
CA GLY A 32 -9.68 15.35 -11.71
C GLY A 32 -10.48 14.13 -12.12
N ASP A 33 -10.58 13.87 -13.41
CA ASP A 33 -11.32 12.74 -13.94
C ASP A 33 -10.43 11.56 -14.27
N ASP A 34 -9.15 11.62 -13.94
CA ASP A 34 -8.22 10.51 -14.17
C ASP A 34 -8.22 9.65 -12.91
N MET A 35 -8.94 8.54 -12.95
CA MET A 35 -9.06 7.68 -11.78
C MET A 35 -7.74 7.01 -11.41
N PHE A 36 -6.79 6.95 -12.33
CA PHE A 36 -5.50 6.32 -12.06
C PHE A 36 -4.47 7.28 -11.47
N HIS A 37 -4.85 8.54 -11.22
CA HIS A 37 -3.94 9.53 -10.65
C HIS A 37 -4.65 10.21 -9.49
N TRP A 38 -4.17 9.97 -8.28
CA TRP A 38 -4.76 10.52 -7.06
C TRP A 38 -3.82 11.52 -6.40
N GLN A 39 -4.42 12.40 -5.62
CA GLN A 39 -3.70 13.21 -4.64
C GLN A 39 -4.02 12.66 -3.24
N ALA A 40 -3.03 12.70 -2.36
CA ALA A 40 -3.23 12.33 -0.97
C ALA A 40 -2.68 13.43 -0.08
N THR A 41 -3.30 13.59 1.08
CA THR A 41 -2.83 14.51 2.11
C THR A 41 -2.71 13.77 3.42
N ILE A 42 -1.56 13.91 4.08
CA ILE A 42 -1.30 13.25 5.35
C ILE A 42 -0.95 14.33 6.37
N MET A 43 -1.64 14.31 7.50
N MET A 43 -1.64 14.31 7.50
CA MET A 43 -1.32 15.21 8.60
CA MET A 43 -1.32 15.21 8.60
C MET A 43 -0.13 14.68 9.38
C MET A 43 -0.13 14.68 9.38
N GLY A 44 0.75 15.58 9.79
CA GLY A 44 1.92 15.20 10.57
C GLY A 44 1.52 14.58 11.89
N PRO A 45 2.09 13.43 12.22
CA PRO A 45 1.75 12.77 13.48
C PRO A 45 2.05 13.66 14.67
N ASN A 46 1.19 13.55 15.70
CA ASN A 46 1.33 14.41 16.88
C ASN A 46 2.61 14.08 17.65
N ASP A 47 3.07 12.83 17.62
CA ASP A 47 4.27 12.40 18.33
C ASP A 47 5.53 12.57 17.49
N SER A 48 5.56 13.54 16.59
CA SER A 48 6.64 13.68 15.63
C SER A 48 6.96 15.15 15.44
N PRO A 49 8.17 15.47 14.96
CA PRO A 49 8.49 16.86 14.62
C PRO A 49 7.72 17.39 13.42
N TYR A 50 6.97 16.54 12.73
CA TYR A 50 6.12 16.95 11.62
C TYR A 50 4.74 17.40 12.07
N GLN A 51 4.52 17.49 13.38
CA GLN A 51 3.22 17.89 13.90
C GLN A 51 2.84 19.28 13.42
N GLY A 52 1.57 19.44 13.04
CA GLY A 52 1.07 20.69 12.51
C GLY A 52 1.19 20.84 11.02
N GLY A 53 1.98 19.99 10.36
CA GLY A 53 2.14 20.09 8.92
C GLY A 53 1.15 19.23 8.15
N VAL A 54 0.91 19.64 6.91
CA VAL A 54 0.08 18.88 5.97
C VAL A 54 0.96 18.53 4.78
N PHE A 55 1.06 17.24 4.47
CA PHE A 55 1.99 16.74 3.47
C PHE A 55 1.20 16.16 2.29
N PHE A 56 1.48 16.68 1.09
CA PHE A 56 0.80 16.23 -0.10
C PHE A 56 1.58 15.12 -0.77
N LEU A 57 0.86 14.19 -1.38
CA LEU A 57 1.47 13.07 -2.10
C LEU A 57 0.73 12.85 -3.41
N THR A 58 1.40 12.22 -4.36
CA THR A 58 0.79 11.74 -5.58
C THR A 58 0.74 10.22 -5.55
N ILE A 59 -0.31 9.67 -6.14
CA ILE A 59 -0.49 8.23 -6.27
C ILE A 59 -0.88 7.94 -7.71
N HIS A 60 -0.05 7.16 -8.42
CA HIS A 60 -0.38 6.76 -9.78
C HIS A 60 -0.50 5.24 -9.83
N PHE A 61 -1.69 4.76 -10.19
CA PHE A 61 -1.96 3.34 -10.27
C PHE A 61 -1.55 2.80 -11.64
N PRO A 62 -0.82 1.69 -11.71
CA PRO A 62 -0.53 1.07 -13.00
C PRO A 62 -1.77 0.41 -13.57
N THR A 63 -1.73 0.15 -14.88
CA THR A 63 -2.88 -0.43 -15.57
C THR A 63 -3.20 -1.84 -15.08
N ASP A 64 -2.22 -2.54 -14.49
CA ASP A 64 -2.45 -3.88 -13.96
C ASP A 64 -2.51 -3.90 -12.44
N TYR A 65 -2.81 -2.76 -11.82
CA TYR A 65 -3.12 -2.72 -10.41
C TYR A 65 -4.28 -3.68 -10.11
N PRO A 66 -4.25 -4.41 -8.98
CA PRO A 66 -3.30 -4.38 -7.87
C PRO A 66 -2.17 -5.40 -7.96
N PHE A 67 -1.92 -5.95 -9.15
CA PHE A 67 -0.86 -6.93 -9.30
C PHE A 67 0.52 -6.30 -9.41
N LYS A 68 0.58 -4.98 -9.59
CA LYS A 68 1.79 -4.18 -9.46
C LYS A 68 1.50 -3.03 -8.51
N PRO A 69 2.49 -2.57 -7.76
CA PRO A 69 2.24 -1.56 -6.73
C PRO A 69 1.95 -0.20 -7.34
N PRO A 70 1.23 0.67 -6.63
CA PRO A 70 1.10 2.05 -7.08
C PRO A 70 2.39 2.81 -6.82
N LYS A 71 2.62 3.84 -7.63
CA LYS A 71 3.74 4.75 -7.44
C LYS A 71 3.29 5.86 -6.52
N VAL A 72 3.85 5.92 -5.31
CA VAL A 72 3.48 6.89 -4.30
C VAL A 72 4.70 7.73 -3.99
N ALA A 73 4.53 9.06 -4.06
CA ALA A 73 5.66 9.96 -3.81
C ALA A 73 5.16 11.24 -3.14
N PHE A 74 5.96 11.74 -2.20
CA PHE A 74 5.68 13.04 -1.61
C PHE A 74 5.89 14.15 -2.64
N THR A 75 5.00 15.13 -2.63
CA THR A 75 5.26 16.38 -3.34
C THR A 75 5.65 17.51 -2.39
N THR A 76 5.28 17.41 -1.12
CA THR A 76 5.74 18.35 -0.12
C THR A 76 7.14 17.95 0.35
N ARG A 77 8.06 18.91 0.37
CA ARG A 77 9.40 18.64 0.87
C ARG A 77 9.32 18.28 2.36
N ILE A 78 10.16 17.33 2.76
CA ILE A 78 10.14 16.83 4.13
C ILE A 78 11.53 16.33 4.48
N TYR A 79 11.92 16.55 5.75
CA TYR A 79 13.23 16.15 6.26
C TYR A 79 13.06 14.82 6.97
N HIS A 80 13.52 13.73 6.33
CA HIS A 80 13.24 12.37 6.79
C HIS A 80 14.23 11.40 6.15
N PRO A 81 14.82 10.48 6.93
CA PRO A 81 15.84 9.59 6.36
C PRO A 81 15.32 8.62 5.31
N ASN A 82 14.01 8.43 5.21
CA ASN A 82 13.43 7.46 4.28
C ASN A 82 12.67 8.11 3.14
N ILE A 83 12.72 9.44 3.01
CA ILE A 83 12.06 10.18 1.95
C ILE A 83 13.05 11.19 1.40
N ASN A 84 13.29 11.16 0.09
CA ASN A 84 14.32 12.01 -0.51
C ASN A 84 13.69 13.19 -1.24
N SER A 85 14.56 13.98 -1.89
CA SER A 85 14.15 15.23 -2.53
C SER A 85 13.31 15.02 -3.77
N ASN A 86 13.24 13.80 -4.30
CA ASN A 86 12.30 13.47 -5.36
C ASN A 86 10.97 12.97 -4.85
N GLY A 87 10.79 12.94 -3.52
CA GLY A 87 9.58 12.42 -2.92
C GLY A 87 9.51 10.91 -2.83
N SER A 88 10.56 10.20 -3.24
CA SER A 88 10.55 8.75 -3.16
C SER A 88 10.51 8.29 -1.70
N ILE A 89 9.77 7.21 -1.45
CA ILE A 89 9.55 6.70 -0.11
C ILE A 89 10.17 5.31 -0.02
N CYS A 90 11.09 5.13 0.92
CA CYS A 90 11.69 3.83 1.15
C CYS A 90 10.75 3.03 2.06
N LEU A 91 9.82 2.31 1.44
CA LEU A 91 8.85 1.49 2.15
C LEU A 91 8.75 0.17 1.43
N ASP A 92 9.06 -0.92 2.13
CA ASP A 92 9.17 -2.24 1.49
C ASP A 92 7.88 -2.65 0.79
N ILE A 93 6.72 -2.30 1.35
CA ILE A 93 5.46 -2.69 0.74
C ILE A 93 5.20 -1.96 -0.57
N LEU A 94 5.91 -0.87 -0.83
CA LEU A 94 5.83 -0.20 -2.12
C LEU A 94 6.83 -0.77 -3.12
N ARG A 95 7.65 -1.74 -2.70
CA ARG A 95 8.68 -2.30 -3.57
C ARG A 95 8.60 -3.82 -3.57
N SER A 96 9.58 -4.48 -2.93
CA SER A 96 9.67 -5.93 -3.04
C SER A 96 8.54 -6.63 -2.29
N GLN A 97 7.95 -6.00 -1.29
CA GLN A 97 6.95 -6.62 -0.45
C GLN A 97 5.53 -6.24 -0.84
N TRP A 98 5.33 -5.69 -2.03
CA TRP A 98 3.97 -5.39 -2.47
C TRP A 98 3.16 -6.68 -2.60
N SER A 99 1.88 -6.59 -2.27
CA SER A 99 0.97 -7.71 -2.36
C SER A 99 -0.35 -7.21 -2.95
N PRO A 100 -1.02 -8.02 -3.77
CA PRO A 100 -2.31 -7.60 -4.31
C PRO A 100 -3.41 -7.51 -3.27
N ALA A 101 -3.15 -7.96 -2.04
CA ALA A 101 -4.11 -7.78 -0.96
C ALA A 101 -3.97 -6.43 -0.28
N LEU A 102 -2.92 -5.68 -0.59
CA LEU A 102 -2.74 -4.36 0.00
C LEU A 102 -3.66 -3.34 -0.64
N THR A 103 -3.93 -2.27 0.10
CA THR A 103 -4.79 -1.18 -0.35
C THR A 103 -4.11 0.15 -0.10
N ILE A 104 -4.65 1.20 -0.70
CA ILE A 104 -4.10 2.54 -0.52
C ILE A 104 -4.21 2.97 0.95
N SER A 105 -5.34 2.65 1.58
CA SER A 105 -5.52 3.05 2.97
C SER A 105 -4.47 2.41 3.88
N LYS A 106 -4.08 1.16 3.58
CA LYS A 106 -3.01 0.54 4.34
C LYS A 106 -1.67 1.18 4.04
N VAL A 107 -1.44 1.58 2.77
CA VAL A 107 -0.22 2.29 2.43
C VAL A 107 -0.13 3.59 3.19
N LEU A 108 -1.23 4.33 3.27
CA LEU A 108 -1.22 5.62 3.97
C LEU A 108 -0.95 5.43 5.46
N LEU A 109 -1.55 4.42 6.08
CA LEU A 109 -1.29 4.15 7.49
C LEU A 109 0.18 3.80 7.71
N SER A 110 0.77 3.04 6.79
CA SER A 110 2.18 2.68 6.92
C SER A 110 3.07 3.91 6.76
N ILE A 111 2.71 4.83 5.87
CA ILE A 111 3.49 6.06 5.73
C ILE A 111 3.42 6.89 7.00
N SER A 112 2.23 6.95 7.61
N SER A 112 2.23 6.97 7.61
CA SER A 112 2.08 7.70 8.86
CA SER A 112 2.08 7.70 8.86
C SER A 112 2.95 7.10 9.96
C SER A 112 2.96 7.09 9.95
N SER A 113 3.03 5.76 10.03
CA SER A 113 3.90 5.12 10.99
C SER A 113 5.37 5.39 10.68
N LEU A 114 5.71 5.54 9.39
CA LEU A 114 7.07 5.86 9.02
C LEU A 114 7.45 7.27 9.46
N LEU A 115 6.49 8.21 9.40
CA LEU A 115 6.74 9.56 9.89
C LEU A 115 6.96 9.56 11.40
N SER A 116 6.21 8.73 12.14
CA SER A 116 6.37 8.66 13.58
C SER A 116 7.65 7.94 13.98
N ASP A 117 8.06 6.95 13.19
CA ASP A 117 9.19 6.07 13.56
C ASP A 117 10.06 5.82 12.33
N PRO A 118 10.99 6.74 12.05
CA PRO A 118 11.88 6.55 10.89
C PRO A 118 12.77 5.32 11.07
N ASN A 119 13.23 4.79 9.93
CA ASN A 119 14.14 3.66 9.90
C ASN A 119 15.50 4.12 9.38
N PRO A 120 16.43 4.53 10.26
CA PRO A 120 17.74 4.99 9.78
C PRO A 120 18.60 3.88 9.20
N ASP A 121 18.26 2.61 9.42
CA ASP A 121 19.04 1.49 8.90
C ASP A 121 18.67 1.11 7.47
N ASP A 122 17.67 1.77 6.89
CA ASP A 122 17.38 1.66 5.45
C ASP A 122 17.45 3.08 4.88
N PRO A 123 18.64 3.67 4.83
CA PRO A 123 18.74 5.11 4.55
C PRO A 123 18.59 5.46 3.07
N LEU A 124 17.44 6.00 2.70
CA LEU A 124 17.31 6.60 1.38
C LEU A 124 18.10 7.91 1.30
N VAL A 125 18.16 8.65 2.40
CA VAL A 125 18.98 9.85 2.50
C VAL A 125 20.04 9.62 3.56
N PRO A 126 21.22 9.10 3.20
CA PRO A 126 22.19 8.71 4.23
C PRO A 126 22.59 9.82 5.18
N GLU A 127 22.65 11.07 4.70
CA GLU A 127 23.07 12.16 5.57
C GLU A 127 22.05 12.42 6.68
N ILE A 128 20.76 12.34 6.36
CA ILE A 128 19.73 12.53 7.38
C ILE A 128 19.69 11.35 8.34
N ALA A 129 19.88 10.14 7.81
CA ALA A 129 19.99 8.98 8.69
C ALA A 129 21.21 9.10 9.60
N ARG A 130 22.31 9.64 9.08
CA ARG A 130 23.50 9.87 9.91
C ARG A 130 23.18 10.83 11.05
N ILE A 131 22.45 11.91 10.76
CA ILE A 131 22.13 12.87 11.79
C ILE A 131 21.10 12.29 12.76
N TYR A 132 20.15 11.50 12.25
CA TYR A 132 19.17 10.86 13.12
C TYR A 132 19.84 9.91 14.11
N LYS A 133 20.93 9.26 13.69
CA LYS A 133 21.63 8.34 14.58
C LYS A 133 22.53 9.06 15.57
N THR A 134 23.21 10.12 15.13
CA THR A 134 24.27 10.74 15.92
C THR A 134 23.85 12.00 16.64
N ASP A 135 22.71 12.59 16.27
CA ASP A 135 22.27 13.84 16.88
C ASP A 135 20.76 13.98 16.74
N ARG A 136 20.01 13.35 17.65
CA ARG A 136 18.57 13.27 17.50
C ARG A 136 17.91 14.64 17.63
N GLU A 137 18.40 15.49 18.55
CA GLU A 137 17.78 16.80 18.71
C GLU A 137 18.04 17.68 17.49
N LYS A 138 19.17 17.51 16.82
CA LYS A 138 19.40 18.25 15.57
C LYS A 138 18.43 17.80 14.49
N TYR A 139 18.17 16.50 14.39
CA TYR A 139 17.18 16.01 13.44
C TYR A 139 15.81 16.60 13.75
N ASN A 140 15.43 16.64 15.03
CA ASN A 140 14.12 17.17 15.40
C ASN A 140 13.99 18.65 15.08
N ARG A 141 15.07 19.42 15.30
N ARG A 141 15.07 19.40 15.31
CA ARG A 141 15.02 20.84 15.02
CA ARG A 141 15.05 20.84 15.01
C ARG A 141 14.86 21.11 13.52
C ARG A 141 14.86 21.09 13.52
N ILE A 142 15.64 20.39 12.69
CA ILE A 142 15.57 20.60 11.25
C ILE A 142 14.23 20.11 10.70
N ALA A 143 13.75 18.97 11.19
CA ALA A 143 12.46 18.46 10.74
C ALA A 143 11.33 19.43 11.07
N ARG A 144 11.41 20.08 12.25
CA ARG A 144 10.45 21.10 12.59
C ARG A 144 10.59 22.32 11.69
N GLU A 145 11.83 22.72 11.40
CA GLU A 145 12.05 23.86 10.52
C GLU A 145 11.49 23.61 9.13
N TRP A 146 11.72 22.42 8.58
CA TRP A 146 11.20 22.11 7.24
C TRP A 146 9.68 22.03 7.24
N THR A 147 9.09 21.48 8.32
CA THR A 147 7.64 21.44 8.43
C THR A 147 7.05 22.84 8.40
N GLN A 148 7.69 23.77 9.13
CA GLN A 148 7.22 25.16 9.14
C GLN A 148 7.36 25.81 7.76
N LYS A 149 8.45 25.51 7.05
CA LYS A 149 8.72 26.19 5.79
C LYS A 149 7.89 25.63 4.65
N TYR A 150 7.70 24.30 4.61
CA TYR A 150 7.12 23.64 3.45
C TYR A 150 5.73 23.07 3.67
N ALA A 151 5.37 22.70 4.90
CA ALA A 151 4.16 21.95 5.16
C ALA A 151 3.11 22.75 5.94
N MET A 152 3.31 24.06 6.11
CA MET A 152 2.35 24.87 6.86
C MET A 152 1.94 26.10 6.06
N ARG B 21 9.53 -14.34 -10.18
CA ARG B 21 9.39 -15.74 -10.56
C ARG B 21 8.02 -16.28 -10.17
N GLY B 22 7.28 -16.77 -11.16
CA GLY B 22 5.96 -17.32 -10.94
C GLY B 22 5.96 -18.84 -11.05
N LEU B 23 4.77 -19.39 -10.82
CA LEU B 23 4.54 -20.82 -10.92
C LEU B 23 4.11 -21.18 -12.34
N THR B 24 4.33 -22.44 -12.70
CA THR B 24 3.85 -22.94 -13.97
C THR B 24 2.34 -23.20 -13.90
N LYS B 25 1.73 -23.33 -15.08
CA LYS B 25 0.32 -23.69 -15.13
C LYS B 25 0.06 -25.02 -14.42
N GLU B 26 1.01 -25.95 -14.50
CA GLU B 26 0.84 -27.24 -13.84
C GLU B 26 0.86 -27.10 -12.32
N GLN B 27 1.80 -26.31 -11.80
CA GLN B 27 1.88 -26.12 -10.34
C GLN B 27 0.65 -25.38 -9.83
N ILE B 28 0.13 -24.42 -10.60
CA ILE B 28 -1.08 -23.72 -10.19
C ILE B 28 -2.28 -24.66 -10.21
N ASP B 29 -2.37 -25.51 -11.24
CA ASP B 29 -3.50 -26.44 -11.36
C ASP B 29 -3.47 -27.52 -10.29
N ASN B 30 -2.32 -27.77 -9.66
CA ASN B 30 -2.25 -28.74 -8.59
C ASN B 30 -2.86 -28.22 -7.29
N LEU B 31 -3.14 -26.93 -7.19
CA LEU B 31 -3.73 -26.35 -6.00
C LEU B 31 -5.24 -26.54 -6.01
N ALA B 32 -5.81 -26.77 -4.83
CA ALA B 32 -7.20 -27.17 -4.72
C ALA B 32 -8.14 -26.06 -5.18
N MET B 33 -9.24 -26.46 -5.81
CA MET B 33 -10.25 -25.54 -6.33
C MET B 33 -11.63 -26.03 -5.87
N ARG B 34 -12.51 -25.08 -5.58
CA ARG B 34 -13.88 -25.40 -5.17
C ARG B 34 -14.84 -24.37 -5.75
N SER B 35 -16.11 -24.76 -5.83
CA SER B 35 -17.17 -23.88 -6.28
C SER B 35 -17.92 -23.37 -5.06
N PHE B 36 -18.10 -22.05 -4.98
CA PHE B 36 -18.82 -21.46 -3.86
C PHE B 36 -20.26 -21.93 -3.86
N GLY B 37 -20.66 -22.58 -2.77
CA GLY B 37 -21.96 -23.21 -2.71
C GLY B 37 -23.06 -22.31 -2.18
N GLU B 38 -24.29 -22.80 -2.32
CA GLU B 38 -25.46 -22.05 -1.86
C GLU B 38 -25.48 -21.92 -0.34
N ASN B 39 -24.88 -22.87 0.37
CA ASN B 39 -24.92 -22.91 1.82
C ASN B 39 -23.64 -22.42 2.47
N ASP B 40 -22.69 -21.90 1.69
CA ASP B 40 -21.37 -21.57 2.22
C ASP B 40 -21.40 -20.22 2.95
N ALA B 41 -20.48 -20.09 3.90
CA ALA B 41 -20.31 -18.83 4.62
C ALA B 41 -19.67 -17.79 3.71
N LEU B 42 -20.17 -16.55 3.80
CA LEU B 42 -19.70 -15.50 2.91
C LEU B 42 -18.28 -15.07 3.25
N LYS B 43 -17.46 -14.94 2.22
CA LYS B 43 -16.11 -14.40 2.35
C LYS B 43 -15.85 -13.41 1.22
N THR B 44 -14.79 -12.63 1.37
CA THR B 44 -14.40 -11.64 0.38
C THR B 44 -12.99 -11.95 -0.12
N CYS B 45 -12.84 -11.96 -1.44
CA CYS B 45 -11.51 -12.14 -2.02
C CYS B 45 -10.67 -10.89 -1.78
N SER B 46 -9.49 -11.09 -1.19
CA SER B 46 -8.66 -9.94 -0.81
C SER B 46 -8.01 -9.25 -1.99
N VAL B 47 -7.99 -9.90 -3.16
CA VAL B 47 -7.32 -9.31 -4.33
C VAL B 47 -8.24 -8.31 -5.02
N CYS B 48 -9.50 -8.68 -5.25
CA CYS B 48 -10.45 -7.81 -5.91
C CYS B 48 -11.44 -7.17 -4.94
N ILE B 49 -11.35 -7.47 -3.65
CA ILE B 49 -12.21 -6.89 -2.62
C ILE B 49 -13.66 -7.07 -3.01
N THR B 50 -14.03 -8.27 -3.46
CA THR B 50 -15.39 -8.57 -3.88
C THR B 50 -15.86 -9.83 -3.17
N GLU B 51 -17.07 -9.78 -2.63
CA GLU B 51 -17.63 -10.92 -1.91
C GLU B 51 -18.00 -12.03 -2.89
N TYR B 52 -17.80 -13.27 -2.47
CA TYR B 52 -18.11 -14.41 -3.33
C TYR B 52 -19.61 -14.59 -3.48
N THR B 53 -20.01 -15.13 -4.63
N THR B 53 -20.00 -15.12 -4.64
CA THR B 53 -21.38 -15.50 -4.91
CA THR B 53 -21.38 -15.49 -4.90
C THR B 53 -21.41 -16.94 -5.38
C THR B 53 -21.42 -16.95 -5.35
N GLU B 54 -22.61 -17.53 -5.35
CA GLU B 54 -22.76 -18.94 -5.71
C GLU B 54 -22.34 -19.18 -7.15
N GLY B 55 -21.50 -20.20 -7.34
CA GLY B 55 -20.95 -20.53 -8.64
C GLY B 55 -19.52 -20.08 -8.85
N ASN B 56 -19.04 -19.14 -8.05
CA ASN B 56 -17.65 -18.69 -8.16
C ASN B 56 -16.69 -19.84 -7.95
N LYS B 57 -15.61 -19.85 -8.71
CA LYS B 57 -14.54 -20.83 -8.55
C LYS B 57 -13.45 -20.23 -7.67
N LEU B 58 -13.12 -20.93 -6.59
CA LEU B 58 -12.16 -20.45 -5.61
C LEU B 58 -10.95 -21.38 -5.56
N ARG B 59 -9.76 -20.79 -5.45
CA ARG B 59 -8.51 -21.55 -5.38
C ARG B 59 -7.88 -21.31 -4.02
N LYS B 60 -7.55 -22.39 -3.31
CA LYS B 60 -6.99 -22.32 -1.97
C LYS B 60 -5.52 -22.72 -2.00
N LEU B 61 -4.67 -21.93 -1.32
CA LEU B 61 -3.24 -22.17 -1.23
C LEU B 61 -2.94 -23.15 -0.10
N PRO B 62 -1.74 -23.72 -0.06
CA PRO B 62 -1.40 -24.64 1.04
C PRO B 62 -1.46 -24.00 2.42
N CYS B 63 -1.38 -22.68 2.50
CA CYS B 63 -1.51 -21.94 3.75
C CYS B 63 -2.96 -21.71 4.17
N SER B 64 -3.92 -22.21 3.39
CA SER B 64 -5.37 -22.18 3.60
C SER B 64 -6.03 -20.86 3.19
N HIS B 65 -5.27 -19.84 2.78
CA HIS B 65 -5.89 -18.65 2.23
C HIS B 65 -6.40 -18.95 0.83
N GLU B 66 -7.60 -18.45 0.50
CA GLU B 66 -8.20 -18.73 -0.80
C GLU B 66 -8.68 -17.44 -1.45
N TYR B 67 -8.83 -17.51 -2.77
CA TYR B 67 -9.12 -16.35 -3.61
C TYR B 67 -9.97 -16.82 -4.78
N HIS B 68 -10.49 -15.86 -5.54
CA HIS B 68 -11.00 -16.19 -6.87
C HIS B 68 -9.90 -16.88 -7.65
N VAL B 69 -10.29 -17.86 -8.47
CA VAL B 69 -9.31 -18.56 -9.30
C VAL B 69 -8.58 -17.57 -10.19
N HIS B 70 -9.33 -16.71 -10.89
CA HIS B 70 -8.70 -15.78 -11.82
C HIS B 70 -7.84 -14.75 -11.10
N CYS B 71 -8.18 -14.42 -9.85
CA CYS B 71 -7.40 -13.43 -9.11
C CYS B 71 -6.04 -13.99 -8.70
N ILE B 72 -6.03 -15.15 -8.04
CA ILE B 72 -4.78 -15.67 -7.52
C ILE B 72 -3.91 -16.24 -8.64
N ASP B 73 -4.54 -16.79 -9.69
CA ASP B 73 -3.76 -17.34 -10.80
C ASP B 73 -2.97 -16.25 -11.52
N ARG B 74 -3.54 -15.05 -11.62
CA ARG B 74 -2.82 -13.94 -12.25
C ARG B 74 -1.62 -13.53 -11.42
N TRP B 75 -1.79 -13.49 -10.10
CA TRP B 75 -0.66 -13.17 -9.22
C TRP B 75 0.42 -14.24 -9.29
N LEU B 76 0.02 -15.52 -9.27
CA LEU B 76 0.98 -16.61 -9.24
C LEU B 76 1.68 -16.82 -10.58
N SER B 77 1.23 -16.18 -11.66
CA SER B 77 1.95 -16.27 -12.93
C SER B 77 3.25 -15.49 -12.91
N GLU B 78 3.39 -14.53 -11.98
CA GLU B 78 4.61 -13.75 -11.86
C GLU B 78 5.18 -13.75 -10.45
N ASN B 79 4.51 -14.37 -9.49
CA ASN B 79 4.95 -14.40 -8.11
C ASN B 79 4.72 -15.80 -7.55
N SER B 80 5.34 -16.06 -6.39
CA SER B 80 5.30 -17.41 -5.82
C SER B 80 4.91 -17.42 -4.35
N THR B 81 4.29 -16.33 -3.86
CA THR B 81 3.95 -16.22 -2.46
C THR B 81 2.47 -15.89 -2.29
N CYS B 82 1.95 -16.21 -1.11
CA CYS B 82 0.56 -15.89 -0.79
C CYS B 82 0.41 -14.39 -0.57
N PRO B 83 -0.60 -13.74 -1.18
CA PRO B 83 -0.77 -12.30 -0.96
C PRO B 83 -1.02 -11.91 0.50
N ILE B 84 -1.54 -12.81 1.32
CA ILE B 84 -1.91 -12.45 2.68
C ILE B 84 -0.80 -12.73 3.68
N CYS B 85 -0.29 -13.96 3.71
CA CYS B 85 0.72 -14.34 4.70
C CYS B 85 2.13 -14.43 4.11
N ARG B 86 2.29 -14.26 2.80
CA ARG B 86 3.57 -14.20 2.11
C ARG B 86 4.38 -15.49 2.22
N ARG B 87 3.74 -16.60 2.59
CA ARG B 87 4.40 -17.89 2.57
C ARG B 87 4.58 -18.37 1.12
N ALA B 88 5.69 -19.06 0.88
CA ALA B 88 5.93 -19.66 -0.42
C ALA B 88 4.88 -20.73 -0.71
N VAL B 89 4.33 -20.69 -1.93
CA VAL B 89 3.30 -21.66 -2.29
C VAL B 89 3.90 -23.05 -2.48
N LEU B 90 5.10 -23.13 -3.05
CA LEU B 90 5.74 -24.41 -3.31
C LEU B 90 6.60 -24.83 -2.12
N ALA B 91 6.94 -26.12 -2.09
CA ALA B 91 7.76 -26.69 -1.02
C ALA B 91 9.17 -26.10 -1.04
C1 GOL C . 9.58 4.24 -4.44
O1 GOL C . 10.02 3.57 -3.30
C2 GOL C . 8.20 4.83 -4.12
O2 GOL C . 8.28 6.14 -3.65
C3 GOL C . 7.40 4.72 -5.43
O3 GOL C . 6.16 4.19 -5.07
ZN ZN D . -1.44 -17.50 3.06
ZN ZN E . -11.03 -11.89 -6.46
#